data_4X7K
#
_entry.id   4X7K
#
_cell.length_a   81.757
_cell.length_b   81.757
_cell.length_c   128.621
_cell.angle_alpha   90.000
_cell.angle_beta   90.000
_cell.angle_gamma   90.000
#
_symmetry.space_group_name_H-M   'P 41 21 2'
#
loop_
_entity.id
_entity.type
_entity.pdbx_description
1 polymer 'Eukaryotic translation initiation factor 2-alpha kinase 3,Eukaryotic translation initiation factor 2-alpha kinase 3'
2 non-polymer 4-{2-amino-3-[5-fluoro-2-(methylamino)quinazolin-6-yl]-4-methylbenzoyl}-1-methyl-2,5-diphenyl-1,2-dihydro-3H-pyrazol-3-one
3 non-polymer 'L(+)-TARTARIC ACID'
4 non-polymer GLYCEROL
5 water water
#
_entity_poly.entity_id   1
_entity_poly.type   'polypeptide(L)'
_entity_poly.pdbx_seq_one_letter_code
;GSSSWNDIKNSGYISRYLTDFEPIQCLGRGGFGVVFEAKNKVDDCNYAIKRIRLPNRELAREKVMREVKALAKLEHPGIV
RYFNAWLEAPPEKWQEKLQPSSPKVYLYIQMQLCRKENLKDWMNGRCTIEERERSVCLHIFLQIAEAVEFLHSKGLMHRN
LKPSNIFFTMDDVVKVGDFGLVTAMDQDEEEQTVLTPMPAYARHTGQVGTKLYMSPEQIHGNSYSHKVDIFSLGLILFEL
LYPFSTQMERVRTLTDVRNLKFPPLFTQKYPCEYVMVQDMLSPSPMERPEAINIIENAVFEDLDFPGKTVLRQRSRS
;
_entity_poly.pdbx_strand_id   A
#
loop_
_chem_comp.id
_chem_comp.type
_chem_comp.name
_chem_comp.formula
3Z3 non-polymer 4-{2-amino-3-[5-fluoro-2-(methylamino)quinazolin-6-yl]-4-methylbenzoyl}-1-methyl-2,5-diphenyl-1,2-dihydro-3H-pyrazol-3-one 'C33 H27 F N6 O2'
GOL non-polymer GLYCEROL 'C3 H8 O3'
TLA non-polymer 'L(+)-TARTARIC ACID' 'C4 H6 O6'
#
# COMPACT_ATOMS: atom_id res chain seq x y z
N TYR A 13 -12.50 4.08 35.32
CA TYR A 13 -11.98 4.63 34.03
C TYR A 13 -12.98 4.45 32.91
N ILE A 14 -13.20 5.51 32.13
CA ILE A 14 -14.07 5.45 30.96
C ILE A 14 -13.25 5.35 29.67
N SER A 15 -13.44 4.25 28.94
CA SER A 15 -12.78 4.05 27.67
C SER A 15 -13.58 4.71 26.54
N ARG A 16 -12.94 5.67 25.89
CA ARG A 16 -13.50 6.36 24.74
C ARG A 16 -13.92 5.36 23.66
N TYR A 17 -13.04 4.40 23.36
CA TYR A 17 -13.33 3.37 22.38
C TYR A 17 -14.57 2.56 22.75
N LEU A 18 -14.63 2.07 23.98
CA LEU A 18 -15.76 1.25 24.42
C LEU A 18 -17.06 2.05 24.55
N THR A 19 -16.95 3.35 24.85
CA THR A 19 -18.15 4.18 25.03
C THR A 19 -18.75 4.59 23.68
N ASP A 20 -17.90 4.90 22.71
CA ASP A 20 -18.34 5.47 21.44
C ASP A 20 -18.60 4.44 20.34
N PHE A 21 -18.04 3.24 20.48
CA PHE A 21 -18.09 2.24 19.41
C PHE A 21 -18.65 0.90 19.85
N GLU A 22 -19.33 0.25 18.91
CA GLU A 22 -19.72 -1.16 19.05
C GLU A 22 -18.74 -2.01 18.26
N PRO A 23 -17.92 -2.82 18.94
CA PRO A 23 -16.93 -3.63 18.23
C PRO A 23 -17.62 -4.69 17.37
N ILE A 24 -17.11 -4.90 16.15
CA ILE A 24 -17.69 -5.87 15.24
C ILE A 24 -16.82 -7.12 15.11
N GLN A 25 -15.54 -6.92 14.77
CA GLN A 25 -14.59 -8.02 14.62
C GLN A 25 -13.15 -7.55 14.68
N CYS A 26 -12.23 -8.47 14.92
CA CYS A 26 -10.80 -8.18 14.77
C CYS A 26 -10.43 -8.38 13.30
N LEU A 27 -9.81 -7.37 12.71
CA LEU A 27 -9.37 -7.44 11.31
C LEU A 27 -7.95 -7.97 11.17
N GLY A 28 -7.16 -7.84 12.24
CA GLY A 28 -5.81 -8.41 12.27
C GLY A 28 -4.86 -7.68 13.20
N ARG A 29 -3.57 -8.01 13.12
CA ARG A 29 -2.54 -7.43 13.99
C ARG A 29 -1.18 -7.36 13.31
N GLY A 30 -0.30 -6.49 13.82
CA GLY A 30 1.06 -6.35 13.31
C GLY A 30 1.84 -5.20 13.93
N GLY A 31 3.12 -5.44 14.22
CA GLY A 31 3.98 -4.43 14.83
C GLY A 31 3.50 -4.01 16.21
N PHE A 32 3.29 -2.71 16.39
CA PHE A 32 2.77 -2.18 17.66
C PHE A 32 1.24 -2.29 17.75
N GLY A 33 0.60 -2.80 16.70
CA GLY A 33 -0.86 -2.66 16.56
C GLY A 33 -1.77 -3.87 16.47
N VAL A 34 -3.05 -3.61 16.75
CA VAL A 34 -4.16 -4.54 16.50
CA VAL A 34 -4.15 -4.54 16.48
C VAL A 34 -5.25 -3.72 15.81
N VAL A 35 -5.94 -4.30 14.83
CA VAL A 35 -6.97 -3.55 14.10
C VAL A 35 -8.36 -4.18 14.24
N PHE A 36 -9.34 -3.34 14.54
CA PHE A 36 -10.74 -3.75 14.73
C PHE A 36 -11.63 -3.08 13.69
N GLU A 37 -12.71 -3.78 13.32
CA GLU A 37 -13.85 -3.10 12.70
C GLU A 37 -14.81 -2.75 13.83
N ALA A 38 -15.28 -1.51 13.85
CA ALA A 38 -16.23 -1.09 14.88
C ALA A 38 -17.19 -0.03 14.37
N LYS A 39 -18.43 -0.08 14.86
CA LYS A 39 -19.45 0.87 14.44
C LYS A 39 -19.54 2.02 15.43
N ASN A 40 -19.43 3.24 14.93
CA ASN A 40 -19.65 4.40 15.77
C ASN A 40 -21.14 4.54 16.10
N LYS A 41 -21.45 4.60 17.39
CA LYS A 41 -22.85 4.62 17.84
C LYS A 41 -23.63 5.85 17.35
N VAL A 42 -22.97 7.00 17.36
CA VAL A 42 -23.64 8.26 17.01
C VAL A 42 -23.86 8.39 15.49
N ASP A 43 -22.82 8.11 14.69
CA ASP A 43 -22.94 8.30 13.24
C ASP A 43 -23.38 7.06 12.45
N ASP A 44 -23.42 5.91 13.13
CA ASP A 44 -23.92 4.65 12.56
C ASP A 44 -23.06 4.06 11.42
N CYS A 45 -21.83 4.55 11.29
CA CYS A 45 -20.91 4.05 10.26
C CYS A 45 -19.90 3.09 10.87
N ASN A 46 -19.41 2.16 10.06
CA ASN A 46 -18.38 1.20 10.47
C ASN A 46 -17.01 1.67 9.99
N TYR A 47 -16.03 1.59 10.88
CA TYR A 47 -14.68 2.08 10.62
C TYR A 47 -13.64 0.99 10.91
N ALA A 48 -12.45 1.16 10.36
CA ALA A 48 -11.30 0.40 10.82
C ALA A 48 -10.60 1.23 11.89
N ILE A 49 -10.34 0.60 13.03
CA ILE A 49 -9.70 1.27 14.15
C ILE A 49 -8.43 0.51 14.56
N LYS A 50 -7.30 1.18 14.43
CA LYS A 50 -6.01 0.60 14.79
C LYS A 50 -5.65 1.04 16.20
N ARG A 51 -5.36 0.07 17.06
CA ARG A 51 -4.92 0.37 18.41
C ARG A 51 -3.43 0.05 18.51
N ILE A 52 -2.64 1.09 18.70
CA ILE A 52 -1.19 0.96 18.80
C ILE A 52 -0.78 1.04 20.26
N ARG A 53 -0.10 0.02 20.76
CA ARG A 53 0.47 0.10 22.09
C ARG A 53 1.76 0.91 21.99
N LEU A 54 1.79 2.09 22.60
CA LEU A 54 3.01 2.92 22.57
C LEU A 54 4.18 2.18 23.22
N PRO A 55 5.32 2.12 22.51
CA PRO A 55 6.50 1.38 23.01
C PRO A 55 7.19 2.05 24.20
N ASN A 56 7.95 1.25 24.96
CA ASN A 56 8.80 1.75 26.06
C ASN A 56 10.16 2.25 25.52
N ARG A 57 10.09 3.07 24.47
CA ARG A 57 11.27 3.59 23.80
C ARG A 57 10.90 5.00 23.37
N GLU A 58 11.54 6.01 23.96
CA GLU A 58 11.12 7.40 23.68
C GLU A 58 11.31 7.82 22.22
N LEU A 59 12.32 7.28 21.55
CA LEU A 59 12.57 7.65 20.15
C LEU A 59 11.56 7.01 19.21
N ALA A 60 11.19 5.77 19.51
CA ALA A 60 10.10 5.11 18.79
C ALA A 60 8.74 5.81 19.03
N ARG A 61 8.49 6.25 20.26
CA ARG A 61 7.27 7.01 20.57
C ARG A 61 7.25 8.33 19.82
N GLU A 62 8.39 9.01 19.78
CA GLU A 62 8.54 10.26 19.03
C GLU A 62 8.10 10.06 17.59
N LYS A 63 8.52 8.95 16.99
CA LYS A 63 8.16 8.63 15.61
C LYS A 63 6.67 8.38 15.46
N VAL A 64 6.10 7.59 16.36
CA VAL A 64 4.65 7.29 16.33
C VAL A 64 3.81 8.57 16.37
N MET A 65 4.12 9.46 17.31
CA MET A 65 3.36 10.71 17.45
C MET A 65 3.52 11.62 16.23
N ARG A 66 4.73 11.68 15.67
CA ARG A 66 4.96 12.41 14.42
C ARG A 66 4.16 11.82 13.26
N GLU A 67 4.16 10.51 13.13
CA GLU A 67 3.47 9.85 12.01
C GLU A 67 1.96 10.07 12.02
N VAL A 68 1.35 10.05 13.22
CA VAL A 68 -0.09 10.28 13.28
C VAL A 68 -0.43 11.72 12.86
N LYS A 69 0.36 12.69 13.32
CA LYS A 69 0.19 14.10 12.91
C LYS A 69 0.35 14.28 11.40
N ALA A 70 1.33 13.59 10.82
CA ALA A 70 1.55 13.63 9.38
C ALA A 70 0.38 13.02 8.59
N LEU A 71 -0.06 11.83 9.00
CA LEU A 71 -1.13 11.17 8.25
C LEU A 71 -2.46 11.97 8.33
N ALA A 72 -2.65 12.67 9.44
CA ALA A 72 -3.88 13.47 9.64
C ALA A 72 -4.04 14.62 8.63
N LYS A 73 -2.93 15.07 8.05
CA LYS A 73 -2.92 16.17 7.07
CA LYS A 73 -2.97 16.17 7.08
C LYS A 73 -3.22 15.70 5.65
N LEU A 74 -3.17 14.38 5.43
CA LEU A 74 -3.26 13.83 4.07
C LEU A 74 -4.67 13.63 3.54
N GLU A 75 -4.90 14.13 2.34
CA GLU A 75 -6.17 13.94 1.64
C GLU A 75 -5.92 13.73 0.15
N HIS A 76 -6.21 12.51 -0.33
CA HIS A 76 -6.04 12.16 -1.74
C HIS A 76 -6.89 10.92 -2.03
N PRO A 77 -7.48 10.85 -3.24
CA PRO A 77 -8.35 9.72 -3.59
C PRO A 77 -7.70 8.33 -3.38
N GLY A 78 -6.39 8.24 -3.55
CA GLY A 78 -5.65 6.98 -3.42
C GLY A 78 -4.96 6.76 -2.08
N ILE A 79 -5.25 7.62 -1.10
CA ILE A 79 -4.68 7.47 0.25
C ILE A 79 -5.82 7.16 1.24
N VAL A 80 -5.59 6.17 2.09
CA VAL A 80 -6.56 5.83 3.16
C VAL A 80 -7.13 7.07 3.85
N ARG A 81 -8.44 7.09 4.02
CA ARG A 81 -9.12 8.27 4.58
C ARG A 81 -9.12 8.30 6.11
N TYR A 82 -8.59 9.38 6.66
CA TYR A 82 -8.47 9.58 8.10
C TYR A 82 -9.72 10.23 8.73
N PHE A 83 -10.08 9.76 9.92
CA PHE A 83 -11.15 10.38 10.71
C PHE A 83 -10.74 10.95 12.05
N ASN A 84 -10.06 10.15 12.90
CA ASN A 84 -9.72 10.59 14.26
CA ASN A 84 -9.76 10.55 14.28
C ASN A 84 -8.54 9.80 14.83
N ALA A 85 -7.92 10.38 15.86
CA ALA A 85 -6.86 9.72 16.60
C ALA A 85 -6.94 10.21 18.04
N TRP A 86 -6.73 9.31 18.99
CA TRP A 86 -6.79 9.67 20.40
C TRP A 86 -5.97 8.73 21.27
N LEU A 87 -5.71 9.14 22.50
CA LEU A 87 -4.93 8.34 23.44
C LEU A 87 -5.81 7.83 24.59
N GLU A 88 -5.53 6.58 25.01
CA GLU A 88 -6.16 6.02 26.21
C GLU A 88 -5.08 5.45 27.11
N ALA A 89 -5.18 5.74 28.40
CA ALA A 89 -4.23 5.26 29.40
C ALA A 89 -4.98 4.57 30.53
N PRO A 90 -5.41 3.31 30.31
CA PRO A 90 -6.18 2.59 31.32
C PRO A 90 -5.31 2.20 32.52
N PRO A 91 -5.83 2.39 33.75
CA PRO A 91 -5.10 2.05 34.98
C PRO A 91 -4.76 0.56 35.06
N LYS A 104 0.41 1.16 30.55
CA LYS A 104 0.25 1.04 29.11
C LYS A 104 -0.56 2.20 28.54
N VAL A 105 -0.07 2.79 27.46
CA VAL A 105 -0.79 3.84 26.73
C VAL A 105 -1.07 3.35 25.31
N TYR A 106 -2.31 3.55 24.87
CA TYR A 106 -2.73 3.16 23.53
C TYR A 106 -3.03 4.38 22.68
N LEU A 107 -2.56 4.37 21.43
CA LEU A 107 -2.99 5.35 20.43
C LEU A 107 -3.97 4.65 19.50
N TYR A 108 -5.19 5.17 19.45
CA TYR A 108 -6.21 4.70 18.52
C TYR A 108 -6.22 5.58 17.29
N ILE A 109 -6.29 4.95 16.11
CA ILE A 109 -6.40 5.68 14.84
C ILE A 109 -7.58 5.12 14.04
N GLN A 110 -8.54 5.99 13.75
CA GLN A 110 -9.79 5.63 13.09
C GLN A 110 -9.78 6.06 11.62
N MET A 111 -9.98 5.09 10.73
CA MET A 111 -9.92 5.32 9.29
C MET A 111 -11.15 4.73 8.60
N GLN A 112 -11.34 5.09 7.33
CA GLN A 112 -12.36 4.47 6.51
C GLN A 112 -12.11 2.96 6.38
N LEU A 113 -13.19 2.18 6.48
CA LEU A 113 -13.11 0.73 6.34
C LEU A 113 -13.01 0.33 4.87
N CYS A 114 -11.96 -0.43 4.54
CA CYS A 114 -11.77 -0.98 3.20
C CYS A 114 -12.24 -2.43 3.15
N ARG A 115 -12.28 -3.00 1.94
CA ARG A 115 -12.65 -4.41 1.74
C ARG A 115 -11.63 -5.33 2.40
N LYS A 116 -12.08 -6.52 2.81
CA LYS A 116 -11.20 -7.51 3.46
C LYS A 116 -10.05 -7.96 2.57
N GLU A 117 -10.32 -8.12 1.27
CA GLU A 117 -9.29 -8.58 0.31
C GLU A 117 -8.46 -7.43 -0.26
N ASN A 118 -7.16 -7.42 0.08
CA ASN A 118 -6.23 -6.41 -0.43
C ASN A 118 -5.65 -6.79 -1.79
N LEU A 119 -4.64 -6.05 -2.26
CA LEU A 119 -4.07 -6.28 -3.60
C LEU A 119 -3.38 -7.65 -3.71
N LYS A 120 -2.66 -8.05 -2.65
CA LYS A 120 -2.09 -9.40 -2.57
C LYS A 120 -3.17 -10.46 -2.76
N ASP A 121 -4.29 -10.33 -2.04
CA ASP A 121 -5.40 -11.27 -2.14
C ASP A 121 -6.02 -11.25 -3.54
N TRP A 122 -6.19 -10.04 -4.08
CA TRP A 122 -6.80 -9.84 -5.40
C TRP A 122 -5.99 -10.56 -6.48
N MET A 123 -4.66 -10.43 -6.41
CA MET A 123 -3.78 -11.12 -7.35
C MET A 123 -3.80 -12.64 -7.15
N ASN A 124 -3.90 -13.09 -5.90
CA ASN A 124 -4.01 -14.52 -5.62
C ASN A 124 -5.32 -15.16 -6.07
N GLY A 125 -6.32 -14.33 -6.36
CA GLY A 125 -7.61 -14.81 -6.87
C GLY A 125 -7.74 -14.64 -8.36
N ARG A 126 -6.67 -14.17 -9.00
CA ARG A 126 -6.61 -13.98 -10.45
C ARG A 126 -5.31 -14.59 -10.98
N CYS A 127 -5.29 -15.91 -11.10
CA CYS A 127 -4.04 -16.64 -11.41
C CYS A 127 -3.88 -17.03 -12.89
N THR A 128 -4.67 -16.41 -13.76
CA THR A 128 -4.52 -16.65 -15.21
C THR A 128 -4.35 -15.33 -15.96
N ILE A 129 -3.73 -15.39 -17.13
CA ILE A 129 -3.48 -14.21 -17.96
C ILE A 129 -4.78 -13.49 -18.35
N GLU A 130 -5.85 -14.25 -18.58
CA GLU A 130 -7.16 -13.69 -18.92
C GLU A 130 -7.71 -12.82 -17.79
N GLU A 131 -7.30 -13.13 -16.57
CA GLU A 131 -7.73 -12.41 -15.38
C GLU A 131 -6.81 -11.23 -15.03
N ARG A 132 -5.82 -10.99 -15.88
CA ARG A 132 -4.92 -9.84 -15.72
C ARG A 132 -4.88 -9.06 -17.03
N GLU A 133 -6.04 -8.66 -17.52
CA GLU A 133 -6.11 -7.92 -18.76
C GLU A 133 -5.32 -6.61 -18.60
N ARG A 134 -4.52 -6.30 -19.62
CA ARG A 134 -3.57 -5.18 -19.56
C ARG A 134 -4.18 -3.88 -19.03
N SER A 135 -5.30 -3.46 -19.60
CA SER A 135 -5.91 -2.17 -19.20
C SER A 135 -6.37 -2.15 -17.74
N VAL A 136 -6.93 -3.25 -17.27
CA VAL A 136 -7.31 -3.38 -15.85
C VAL A 136 -6.09 -3.24 -14.94
N CYS A 137 -5.01 -3.95 -15.27
CA CYS A 137 -3.80 -3.90 -14.48
C CYS A 137 -3.17 -2.51 -14.47
N LEU A 138 -3.17 -1.86 -15.63
CA LEU A 138 -2.60 -0.52 -15.74
C LEU A 138 -3.43 0.52 -14.98
N HIS A 139 -4.75 0.34 -14.98
CA HIS A 139 -5.67 1.19 -14.22
C HIS A 139 -5.40 1.10 -12.72
N ILE A 140 -5.22 -0.12 -12.22
CA ILE A 140 -4.87 -0.33 -10.82
C ILE A 140 -3.50 0.28 -10.52
N PHE A 141 -2.52 -0.03 -11.37
CA PHE A 141 -1.17 0.50 -11.15
C PHE A 141 -1.12 2.02 -11.18
N LEU A 142 -1.82 2.63 -12.15
CA LEU A 142 -1.85 4.09 -12.24
C LEU A 142 -2.31 4.72 -10.93
N GLN A 143 -3.35 4.15 -10.32
CA GLN A 143 -3.87 4.66 -9.04
C GLN A 143 -2.82 4.58 -7.93
N ILE A 144 -2.08 3.48 -7.88
CA ILE A 144 -0.98 3.33 -6.91
C ILE A 144 0.10 4.40 -7.17
N ALA A 145 0.53 4.53 -8.43
CA ALA A 145 1.54 5.51 -8.80
C ALA A 145 1.11 6.95 -8.50
N GLU A 146 -0.19 7.24 -8.69
CA GLU A 146 -0.74 8.56 -8.40
C GLU A 146 -0.71 8.87 -6.89
N ALA A 147 -1.02 7.87 -6.07
CA ALA A 147 -0.90 8.01 -4.61
C ALA A 147 0.54 8.29 -4.19
N VAL A 148 1.48 7.58 -4.83
CA VAL A 148 2.92 7.78 -4.55
C VAL A 148 3.36 9.17 -4.98
N GLU A 149 2.94 9.60 -6.18
CA GLU A 149 3.25 10.96 -6.66
C GLU A 149 2.74 12.02 -5.69
N PHE A 150 1.53 11.79 -5.15
CA PHE A 150 0.96 12.71 -4.17
C PHE A 150 1.88 12.82 -2.93
N LEU A 151 2.28 11.69 -2.37
CA LEU A 151 3.19 11.69 -1.22
C LEU A 151 4.49 12.43 -1.52
N HIS A 152 5.10 12.12 -2.67
CA HIS A 152 6.36 12.75 -3.06
C HIS A 152 6.20 14.26 -3.27
N SER A 153 5.05 14.68 -3.80
CA SER A 153 4.80 16.11 -4.00
C SER A 153 4.67 16.86 -2.66
N LYS A 154 4.36 16.13 -1.59
CA LYS A 154 4.29 16.70 -0.24
C LYS A 154 5.60 16.59 0.53
N GLY A 155 6.63 16.09 -0.14
CA GLY A 155 7.95 15.88 0.50
C GLY A 155 7.90 14.72 1.47
N LEU A 156 7.02 13.76 1.19
CA LEU A 156 6.89 12.54 1.98
C LEU A 156 7.25 11.34 1.13
N MET A 157 7.40 10.19 1.77
CA MET A 157 7.58 8.93 1.05
C MET A 157 6.90 7.80 1.81
N HIS A 158 6.66 6.69 1.13
CA HIS A 158 6.00 5.57 1.76
C HIS A 158 6.99 4.70 2.54
N ARG A 159 8.03 4.21 1.83
CA ARG A 159 9.15 3.43 2.38
C ARG A 159 8.86 1.93 2.48
N ASN A 160 7.58 1.56 2.49
CA ASN A 160 7.18 0.17 2.66
C ASN A 160 6.08 -0.25 1.70
N LEU A 161 6.18 0.21 0.46
CA LEU A 161 5.15 -0.07 -0.53
C LEU A 161 5.23 -1.52 -0.99
N LYS A 162 4.08 -2.19 -0.95
CA LYS A 162 3.94 -3.61 -1.29
C LYS A 162 2.45 -3.93 -1.37
N PRO A 163 2.06 -5.03 -2.05
CA PRO A 163 0.63 -5.35 -2.21
C PRO A 163 -0.15 -5.50 -0.90
N SER A 164 0.50 -5.91 0.18
CA SER A 164 -0.19 -6.04 1.47
C SER A 164 -0.47 -4.69 2.15
N ASN A 165 0.05 -3.61 1.55
CA ASN A 165 -0.24 -2.23 2.00
C ASN A 165 -1.13 -1.47 1.02
N ILE A 166 -1.81 -2.22 0.14
CA ILE A 166 -2.65 -1.63 -0.89
C ILE A 166 -4.01 -2.33 -0.82
N PHE A 167 -5.03 -1.57 -0.46
CA PHE A 167 -6.38 -2.12 -0.26
C PHE A 167 -7.34 -1.47 -1.24
N PHE A 168 -8.62 -1.82 -1.15
CA PHE A 168 -9.65 -1.25 -2.02
C PHE A 168 -10.81 -0.75 -1.17
N THR A 169 -11.38 0.38 -1.54
CA THR A 169 -12.65 0.80 -0.96
C THR A 169 -13.78 -0.15 -1.39
N MET A 170 -14.94 0.02 -0.77
CA MET A 170 -16.12 -0.79 -1.10
C MET A 170 -16.46 -0.71 -2.60
N ASP A 171 -16.06 0.37 -3.26
CA ASP A 171 -16.28 0.57 -4.70
CA ASP A 171 -16.28 0.48 -4.71
C ASP A 171 -15.00 0.39 -5.53
N ASP A 172 -14.05 -0.41 -5.04
CA ASP A 172 -12.82 -0.76 -5.77
C ASP A 172 -11.84 0.38 -6.06
N VAL A 173 -11.97 1.51 -5.38
CA VAL A 173 -10.94 2.56 -5.46
C VAL A 173 -9.70 2.09 -4.68
N VAL A 174 -8.54 2.14 -5.33
CA VAL A 174 -7.28 1.71 -4.72
C VAL A 174 -6.91 2.67 -3.58
N LYS A 175 -6.51 2.10 -2.44
CA LYS A 175 -6.10 2.90 -1.28
C LYS A 175 -4.74 2.43 -0.75
N VAL A 176 -3.79 3.35 -0.74
CA VAL A 176 -2.44 3.10 -0.22
C VAL A 176 -2.34 3.59 1.23
N GLY A 177 -1.67 2.80 2.07
CA GLY A 177 -1.46 3.15 3.47
C GLY A 177 -0.37 2.30 4.09
N ASP A 178 -0.26 2.37 5.41
CA ASP A 178 0.57 1.48 6.20
C ASP A 178 -0.39 0.64 7.05
N PHE A 179 -0.82 -0.51 6.51
CA PHE A 179 -1.94 -1.23 7.10
C PHE A 179 -1.59 -2.03 8.36
N GLY A 180 -0.45 -2.72 8.33
CA GLY A 180 0.02 -3.47 9.49
C GLY A 180 -0.87 -4.64 9.86
N LEU A 181 -1.35 -5.35 8.84
CA LEU A 181 -2.06 -6.61 9.06
C LEU A 181 -1.15 -7.76 8.63
N VAL A 182 -0.32 -8.21 9.57
CA VAL A 182 0.63 -9.30 9.33
C VAL A 182 -0.08 -10.65 9.44
N THR A 183 -0.07 -11.41 8.34
CA THR A 183 -0.80 -12.66 8.24
C THR A 183 0.10 -13.87 8.52
N THR A 210 7.93 -9.06 4.60
CA THR A 210 8.66 -9.39 3.37
C THR A 210 9.55 -8.24 2.90
N LYS A 211 10.71 -8.60 2.34
CA LYS A 211 11.62 -7.60 1.78
C LYS A 211 11.69 -7.66 0.25
N LEU A 212 10.80 -8.44 -0.37
CA LEU A 212 10.83 -8.62 -1.81
C LEU A 212 10.66 -7.32 -2.61
N TYR A 213 9.95 -6.35 -2.04
CA TYR A 213 9.66 -5.08 -2.74
C TYR A 213 10.56 -3.94 -2.27
N MET A 214 11.45 -4.24 -1.35
CA MET A 214 12.29 -3.22 -0.72
C MET A 214 13.51 -2.87 -1.57
N SER A 215 13.80 -1.58 -1.70
CA SER A 215 14.97 -1.10 -2.44
C SER A 215 16.27 -1.69 -1.89
N PRO A 216 17.28 -1.88 -2.78
CA PRO A 216 18.59 -2.38 -2.34
C PRO A 216 19.21 -1.51 -1.25
N GLU A 217 19.06 -0.19 -1.36
CA GLU A 217 19.66 0.72 -0.38
C GLU A 217 19.07 0.52 1.02
N GLN A 218 17.77 0.24 1.10
CA GLN A 218 17.11 -0.06 2.38
C GLN A 218 17.52 -1.42 2.96
N ILE A 219 17.52 -2.45 2.12
CA ILE A 219 17.97 -3.78 2.56
C ILE A 219 19.36 -3.73 3.19
N HIS A 220 20.26 -2.96 2.59
CA HIS A 220 21.62 -2.82 3.09
C HIS A 220 21.76 -1.85 4.27
N GLY A 221 20.65 -1.24 4.69
CA GLY A 221 20.66 -0.30 5.82
C GLY A 221 21.36 1.01 5.53
N ASN A 222 21.37 1.41 4.27
CA ASN A 222 22.01 2.66 3.86
C ASN A 222 21.02 3.82 3.89
N SER A 223 21.53 5.05 3.80
CA SER A 223 20.65 6.21 3.65
C SER A 223 19.92 6.12 2.32
N TYR A 224 18.79 6.83 2.22
CA TYR A 224 17.92 6.68 1.05
C TYR A 224 17.08 7.94 0.82
N SER A 225 16.38 7.94 -0.32
CA SER A 225 15.51 9.05 -0.72
C SER A 225 14.15 8.50 -1.14
N HIS A 226 13.27 9.38 -1.60
CA HIS A 226 11.95 9.00 -2.09
C HIS A 226 12.01 7.99 -3.25
N LYS A 227 13.19 7.90 -3.88
CA LYS A 227 13.41 6.94 -4.96
C LYS A 227 13.18 5.48 -4.55
N VAL A 228 13.21 5.19 -3.25
CA VAL A 228 12.91 3.85 -2.74
C VAL A 228 11.53 3.37 -3.16
N ASP A 229 10.57 4.29 -3.24
CA ASP A 229 9.19 3.95 -3.60
C ASP A 229 9.07 3.57 -5.07
N ILE A 230 9.94 4.15 -5.90
CA ILE A 230 9.94 3.87 -7.33
C ILE A 230 10.37 2.41 -7.60
N PHE A 231 11.37 1.95 -6.87
CA PHE A 231 11.80 0.55 -6.93
C PHE A 231 10.65 -0.39 -6.60
N SER A 232 9.95 -0.14 -5.49
CA SER A 232 8.76 -0.92 -5.11
C SER A 232 7.69 -0.92 -6.21
N LEU A 233 7.42 0.25 -6.79
CA LEU A 233 6.46 0.39 -7.89
C LEU A 233 6.81 -0.50 -9.09
N GLY A 234 8.10 -0.59 -9.40
CA GLY A 234 8.57 -1.41 -10.53
C GLY A 234 8.16 -2.86 -10.39
N LEU A 235 8.39 -3.43 -9.21
CA LEU A 235 8.07 -4.83 -8.96
CA LEU A 235 8.08 -4.83 -8.96
C LEU A 235 6.57 -5.06 -8.94
N ILE A 236 5.83 -4.08 -8.42
CA ILE A 236 4.37 -4.16 -8.38
C ILE A 236 3.76 -4.14 -9.79
N LEU A 237 4.30 -3.28 -10.65
CA LEU A 237 3.84 -3.25 -12.05
C LEU A 237 4.05 -4.60 -12.72
N PHE A 238 5.25 -5.18 -12.57
CA PHE A 238 5.50 -6.50 -13.12
C PHE A 238 4.51 -7.53 -12.56
N GLU A 239 4.38 -7.57 -11.24
CA GLU A 239 3.54 -8.57 -10.58
C GLU A 239 2.07 -8.49 -10.98
N LEU A 240 1.56 -7.28 -11.18
CA LEU A 240 0.19 -7.08 -11.66
C LEU A 240 -0.03 -7.71 -13.04
N LEU A 241 0.96 -7.59 -13.91
CA LEU A 241 0.85 -8.07 -15.30
C LEU A 241 1.14 -9.56 -15.46
N TYR A 242 1.82 -10.15 -14.48
CA TYR A 242 2.32 -11.52 -14.58
C TYR A 242 1.76 -12.41 -13.47
N PRO A 243 0.72 -13.20 -13.78
CA PRO A 243 0.09 -14.05 -12.75
C PRO A 243 0.91 -15.29 -12.39
N PHE A 244 0.81 -15.71 -11.13
CA PHE A 244 1.50 -16.88 -10.62
C PHE A 244 0.52 -17.97 -10.19
N SER A 245 0.98 -19.23 -10.27
CA SER A 245 0.21 -20.41 -9.86
C SER A 245 0.65 -20.97 -8.50
N THR A 246 1.87 -20.65 -8.08
CA THR A 246 2.41 -21.10 -6.78
C THR A 246 3.21 -19.98 -6.11
N GLN A 247 3.36 -20.08 -4.80
CA GLN A 247 4.19 -19.15 -4.04
C GLN A 247 5.67 -19.31 -4.44
N MET A 248 6.10 -20.56 -4.62
CA MET A 248 7.47 -20.84 -5.05
C MET A 248 7.81 -20.14 -6.38
N GLU A 249 6.90 -20.24 -7.35
CA GLU A 249 7.06 -19.57 -8.64
C GLU A 249 7.14 -18.05 -8.44
N ARG A 250 6.27 -17.50 -7.61
CA ARG A 250 6.24 -16.07 -7.32
C ARG A 250 7.57 -15.57 -6.77
N VAL A 251 8.08 -16.25 -5.73
CA VAL A 251 9.31 -15.84 -5.06
C VAL A 251 10.51 -15.91 -6.02
N ARG A 252 10.61 -17.02 -6.76
CA ARG A 252 11.70 -17.22 -7.72
C ARG A 252 11.67 -16.11 -8.79
N THR A 253 10.50 -15.87 -9.37
CA THR A 253 10.37 -14.92 -10.46
C THR A 253 10.61 -13.47 -10.02
N LEU A 254 10.01 -13.07 -8.90
CA LEU A 254 10.19 -11.72 -8.37
C LEU A 254 11.65 -11.46 -7.97
N THR A 255 12.32 -12.48 -7.43
CA THR A 255 13.74 -12.41 -7.11
C THR A 255 14.58 -12.18 -8.37
N ASP A 256 14.27 -12.91 -9.43
CA ASP A 256 14.92 -12.71 -10.73
C ASP A 256 14.66 -11.30 -11.28
N VAL A 257 13.40 -10.85 -11.20
CA VAL A 257 13.01 -9.53 -11.71
C VAL A 257 13.76 -8.39 -10.98
N ARG A 258 13.92 -8.52 -9.66
CA ARG A 258 14.75 -7.59 -8.87
C ARG A 258 16.14 -7.42 -9.50
N ASN A 259 16.66 -8.50 -10.06
CA ASN A 259 17.97 -8.50 -10.70
C ASN A 259 17.90 -8.30 -12.21
N LEU A 260 16.77 -7.78 -12.68
CA LEU A 260 16.54 -7.44 -14.09
C LEU A 260 16.60 -8.66 -15.03
N LYS A 261 16.21 -9.82 -14.49
CA LYS A 261 16.07 -11.04 -15.28
C LYS A 261 14.58 -11.31 -15.41
N PHE A 262 14.06 -11.14 -16.62
CA PHE A 262 12.62 -11.19 -16.88
C PHE A 262 12.28 -12.47 -17.64
N PRO A 263 11.07 -13.02 -17.40
CA PRO A 263 10.57 -14.11 -18.25
C PRO A 263 10.40 -13.62 -19.69
N PRO A 264 10.94 -14.36 -20.67
CA PRO A 264 10.87 -13.97 -22.09
C PRO A 264 9.46 -13.60 -22.57
N LEU A 265 8.45 -14.32 -22.10
CA LEU A 265 7.08 -14.08 -22.54
C LEU A 265 6.48 -12.77 -21.99
N PHE A 266 7.05 -12.25 -20.92
CA PHE A 266 6.68 -10.93 -20.41
C PHE A 266 7.25 -9.83 -21.31
N THR A 267 8.54 -9.94 -21.63
CA THR A 267 9.24 -8.95 -22.45
C THR A 267 8.61 -8.84 -23.84
N GLN A 268 8.12 -9.96 -24.35
CA GLN A 268 7.50 -10.03 -25.68
C GLN A 268 6.08 -9.47 -25.69
N LYS A 269 5.28 -9.86 -24.70
CA LYS A 269 3.89 -9.40 -24.61
C LYS A 269 3.79 -7.93 -24.23
N TYR A 270 4.65 -7.47 -23.32
CA TYR A 270 4.61 -6.11 -22.80
C TYR A 270 5.93 -5.35 -22.96
N PRO A 271 6.33 -5.04 -24.21
CA PRO A 271 7.62 -4.36 -24.43
C PRO A 271 7.73 -2.98 -23.78
N CYS A 272 6.63 -2.24 -23.74
CA CYS A 272 6.61 -0.89 -23.16
C CYS A 272 6.75 -0.92 -21.64
N GLU A 273 5.97 -1.79 -21.00
CA GLU A 273 6.00 -1.93 -19.55
C GLU A 273 7.30 -2.56 -19.08
N TYR A 274 7.87 -3.44 -19.91
CA TYR A 274 9.18 -4.04 -19.65
C TYR A 274 10.26 -2.97 -19.48
N VAL A 275 10.28 -2.00 -20.40
CA VAL A 275 11.22 -0.87 -20.32
C VAL A 275 10.98 -0.03 -19.05
N MET A 276 9.70 0.23 -18.75
CA MET A 276 9.32 0.99 -17.56
C MET A 276 9.78 0.31 -16.27
N VAL A 277 9.54 -1.00 -16.17
CA VAL A 277 9.97 -1.77 -14.99
C VAL A 277 11.50 -1.74 -14.87
N GLN A 278 12.20 -1.99 -15.98
CA GLN A 278 13.65 -1.89 -16.02
C GLN A 278 14.17 -0.59 -15.41
N ASP A 279 13.58 0.54 -15.84
CA ASP A 279 13.99 1.86 -15.38
C ASP A 279 13.71 2.05 -13.87
N MET A 280 12.53 1.63 -13.44
CA MET A 280 12.11 1.74 -12.03
C MET A 280 12.99 0.88 -11.10
N LEU A 281 13.53 -0.21 -11.63
CA LEU A 281 14.36 -1.13 -10.83
C LEU A 281 15.87 -0.89 -10.95
N SER A 282 16.26 0.27 -11.47
CA SER A 282 17.68 0.62 -11.55
C SER A 282 18.31 0.51 -10.14
N PRO A 283 19.46 -0.18 -10.03
CA PRO A 283 20.18 -0.23 -8.76
C PRO A 283 20.53 1.15 -8.22
N SER A 284 20.86 2.07 -9.12
CA SER A 284 21.18 3.46 -8.76
C SER A 284 19.88 4.25 -8.62
N PRO A 285 19.61 4.80 -7.42
CA PRO A 285 18.35 5.52 -7.19
C PRO A 285 18.18 6.73 -8.10
N MET A 286 19.28 7.41 -8.41
CA MET A 286 19.27 8.57 -9.31
C MET A 286 18.74 8.25 -10.71
N GLU A 287 18.90 6.99 -11.13
CA GLU A 287 18.53 6.56 -12.47
C GLU A 287 17.05 6.19 -12.59
N ARG A 288 16.39 5.99 -11.44
CA ARG A 288 14.96 5.68 -11.43
C ARG A 288 14.15 6.94 -11.76
N PRO A 289 13.09 6.79 -12.56
CA PRO A 289 12.22 7.93 -12.91
C PRO A 289 11.44 8.45 -11.71
N GLU A 290 11.10 9.74 -11.74
CA GLU A 290 10.16 10.30 -10.77
C GLU A 290 8.76 9.76 -11.04
N ALA A 291 7.94 9.67 -10.00
CA ALA A 291 6.58 9.18 -10.13
C ALA A 291 5.76 9.96 -11.17
N ILE A 292 5.96 11.28 -11.23
CA ILE A 292 5.27 12.13 -12.22
C ILE A 292 5.55 11.69 -13.66
N ASN A 293 6.78 11.27 -13.93
CA ASN A 293 7.17 10.83 -15.28
C ASN A 293 6.59 9.45 -15.62
N ILE A 294 6.45 8.60 -14.61
CA ILE A 294 5.77 7.32 -14.76
C ILE A 294 4.30 7.55 -15.14
N ILE A 295 3.60 8.38 -14.37
CA ILE A 295 2.17 8.59 -14.61
C ILE A 295 1.87 9.27 -15.95
N GLU A 296 2.83 10.01 -16.48
CA GLU A 296 2.68 10.66 -17.78
C GLU A 296 3.01 9.76 -18.98
N ASN A 297 3.43 8.52 -18.71
CA ASN A 297 3.76 7.57 -19.77
C ASN A 297 2.56 7.27 -20.67
N ALA A 298 2.84 7.09 -21.96
CA ALA A 298 1.80 6.86 -22.98
C ALA A 298 0.92 5.64 -22.72
N VAL A 299 1.45 4.64 -22.00
CA VAL A 299 0.67 3.42 -21.72
C VAL A 299 -0.61 3.69 -20.93
N PHE A 300 -0.65 4.81 -20.21
CA PHE A 300 -1.77 5.12 -19.32
C PHE A 300 -2.87 5.97 -19.97
N GLU A 301 -2.75 6.20 -21.27
CA GLU A 301 -3.72 7.05 -21.97
C GLU A 301 -4.97 6.28 -22.38
N ASP A 302 -6.12 6.89 -22.11
CA ASP A 302 -7.44 6.37 -22.50
C ASP A 302 -7.71 4.91 -22.11
N LEU A 303 -7.29 4.54 -20.90
CA LEU A 303 -7.51 3.19 -20.37
C LEU A 303 -9.01 2.90 -20.26
N ASP A 304 -9.42 1.74 -20.79
CA ASP A 304 -10.80 1.31 -20.71
C ASP A 304 -10.89 -0.21 -20.67
N PHE A 305 -11.95 -0.72 -20.04
CA PHE A 305 -12.26 -2.15 -20.02
C PHE A 305 -13.75 -2.33 -19.78
N PRO A 306 -14.33 -3.44 -20.27
CA PRO A 306 -15.76 -3.63 -20.01
C PRO A 306 -16.03 -3.70 -18.51
N GLY A 307 -16.96 -2.87 -18.03
CA GLY A 307 -17.29 -2.81 -16.60
C GLY A 307 -16.69 -1.63 -15.86
N LYS A 308 -15.72 -0.96 -16.49
CA LYS A 308 -15.05 0.21 -15.89
C LYS A 308 -16.05 1.30 -15.57
N THR A 309 -15.89 1.93 -14.40
CA THR A 309 -16.78 3.01 -13.98
C THR A 309 -16.73 4.18 -14.97
N VAL A 310 -17.91 4.58 -15.44
CA VAL A 310 -18.05 5.70 -16.38
C VAL A 310 -18.70 6.90 -15.71
C11 3Z3 B . 0.78 5.70 5.92
C12 3Z3 B . 0.78 6.21 4.62
C13 3Z3 B . -0.34 6.89 4.15
C14 3Z3 B . -1.45 7.06 4.97
C15 3Z3 B . -1.46 6.55 6.28
C5 3Z3 B . -0.34 5.86 6.75
C2 3Z3 B . -0.28 5.33 8.06
N1 3Z3 B . 0.64 5.60 8.99
C24 3Z3 B . 1.73 6.57 8.78
N2 3Z3 B . 0.43 4.98 10.06
C4 3Z3 B . 1.22 5.02 11.16
C6 3Z3 B . 0.82 5.54 12.39
C7 3Z3 B . 1.69 5.53 13.48
C8 3Z3 B . 2.97 4.98 13.36
C9 3Z3 B . 3.39 4.44 12.14
C10 3Z3 B . 2.50 4.46 11.05
C3 3Z3 B . -0.64 4.20 9.94
O1 3Z3 B . -1.08 3.46 10.81
C1 3Z3 B . -1.16 4.41 8.64
C16 3Z3 B . -2.36 3.77 7.95
O2 3Z3 B . -2.34 3.68 6.72
C17 3Z3 B . -3.55 3.18 8.75
C22 3Z3 B . -4.30 2.10 8.21
N3 3Z3 B . -3.97 1.61 7.01
C18 3Z3 B . -3.90 3.72 9.99
C19 3Z3 B . -4.96 3.17 10.71
C20 3Z3 B . -5.70 2.11 10.18
C33 3Z3 B . -6.88 1.58 11.01
C21 3Z3 B . -5.38 1.56 8.91
C23 3Z3 B . -6.12 0.46 8.46
C29 3Z3 B . -5.75 -0.84 8.85
C28 3Z3 B . -6.49 -1.95 8.45
C27 3Z3 B . -7.63 -1.79 7.67
N5 3Z3 B . -8.36 -2.86 7.26
C31 3Z3 B . -9.47 -2.66 6.49
N6 3Z3 B . -10.28 -3.64 6.03
C32 3Z3 B . -10.00 -5.09 6.21
N4 3Z3 B . -9.81 -1.41 6.15
C30 3Z3 B . -9.12 -0.34 6.51
C26 3Z3 B . -7.99 -0.50 7.29
C25 3Z3 B . -7.25 0.63 7.69
F1 3Z3 B . -7.61 1.86 7.32
O1 TLA C . -14.23 -11.84 -5.33
O11 TLA C . -14.32 -9.85 -4.34
C1 TLA C . -13.88 -10.65 -5.19
C2 TLA C . -12.76 -10.17 -6.14
O2 TLA C . -12.31 -8.87 -5.74
C3 TLA C . -13.26 -10.11 -7.59
O3 TLA C . -14.36 -9.20 -7.70
C4 TLA C . -12.10 -9.68 -8.50
O4 TLA C . -12.21 -8.55 -9.06
O41 TLA C . -11.13 -10.47 -8.63
C1 GOL D . 2.78 9.82 6.68
O1 GOL D . 3.48 11.00 6.34
C2 GOL D . 3.45 8.60 6.03
O2 GOL D . 4.74 8.41 6.56
C3 GOL D . 3.54 8.76 4.52
O3 GOL D . 4.01 7.54 3.98
#